data_8A9U
#
_entry.id   8A9U
#
_cell.length_a   1.00
_cell.length_b   1.00
_cell.length_c   1.00
_cell.angle_alpha   90.00
_cell.angle_beta   90.00
_cell.angle_gamma   90.00
#
_symmetry.space_group_name_H-M   'P 1'
#
_entity_poly.entity_id   1
_entity_poly.type   'polypeptide(L)'
_entity_poly.pdbx_seq_one_letter_code
;TAPGKKRPVDQSPQEPDSSSGVGKSGKQPARKRLNFGQTGDSESVPDPQPLGEPPAAPTSLGSNTMASGGGAPMADNNEG
ADGVGNSSGNWHCDSQWLGDRVITTSTRTWALPTYNNHLYKQISSQSGASNDNHYFGYSTPWGYFDFNRFHCHFSPRDWQ
RLINNNWGFRPKKLSFKLFNIQVKEVTQNDGTTTIANNLTSTVQVFTDSEYQLPYVLGSAHQGCLPPFPADVFMVPQYGY
LTLNNGSQAVGRSSFYCLEYFPSQMLRTGNNFQFSYTFEDVPFHSSYAHSQSLDRLMNPLIDQYLYYLNRTQGTTSGTTN
QSRLLFSQAGPQSMSLQARNWLPGPCYRQQRLSKTANDNNNSNFPWTAASKYHLNGRDSLVNPGPAMASHKDDEEKFFPM
HGNLIFGKEGTTASNAELDNVMITDEEEIRTTNPVATEQYGTVANNLQSSNTAPTTRTVNDQGALPGMVWQDRDVYLQGP
IWAKIPHTDGHFHPSPLMGGFGLKHPPPQIMIKNTPVPANPPTTFSPAKFASFITQYSTGQVSVEIEWELQKENSKRWNP
EIQYTSNYNKSVNVDFTVDTNGVYSEPRPIGTRYLTRNL
;
_entity_poly.pdbx_strand_id   0
#
# COMPACT_ATOMS: atom_id res chain seq x y z
N ALA A 81 35.57 6.19 -7.45
CA ALA A 81 36.92 6.73 -7.47
C ALA A 81 37.49 6.72 -8.88
N ASP A 82 37.19 7.77 -9.64
CA ASP A 82 37.66 7.89 -11.03
C ASP A 82 37.82 9.38 -11.33
N GLY A 83 38.05 9.69 -12.60
CA GLY A 83 38.16 11.06 -13.07
C GLY A 83 36.84 11.60 -13.57
N VAL A 84 36.91 12.62 -14.42
CA VAL A 84 35.71 13.23 -14.97
C VAL A 84 35.27 12.57 -16.28
N GLY A 85 36.17 11.87 -16.97
CA GLY A 85 35.86 11.22 -18.22
C GLY A 85 35.67 9.73 -18.15
N ASN A 86 35.50 9.15 -16.96
CA ASN A 86 35.24 7.73 -16.79
C ASN A 86 33.88 7.54 -16.13
N SER A 87 33.05 6.69 -16.73
CA SER A 87 31.71 6.45 -16.20
C SER A 87 31.75 5.44 -15.06
N SER A 88 30.93 5.68 -14.05
CA SER A 88 30.75 4.75 -12.95
C SER A 88 29.46 3.98 -13.16
N GLY A 89 29.53 2.66 -13.05
CA GLY A 89 28.36 1.83 -13.22
C GLY A 89 27.80 1.85 -14.62
N ASN A 90 26.88 0.93 -14.91
CA ASN A 90 26.27 0.78 -16.21
C ASN A 90 24.76 0.67 -16.05
N TRP A 91 24.06 0.59 -17.18
CA TRP A 91 22.61 0.46 -17.20
C TRP A 91 22.26 -1.02 -17.31
N HIS A 92 21.73 -1.59 -16.23
CA HIS A 92 21.48 -3.03 -16.17
C HIS A 92 20.04 -3.39 -16.50
N CYS A 93 19.08 -2.95 -15.70
CA CYS A 93 17.67 -3.29 -15.89
C CYS A 93 17.54 -4.79 -16.14
N ASP A 94 16.47 -5.21 -16.83
CA ASP A 94 16.15 -6.62 -17.10
C ASP A 94 15.80 -7.38 -15.84
N SER A 95 15.43 -8.66 -16.00
CA SER A 95 15.12 -9.53 -14.88
C SER A 95 15.49 -10.96 -15.24
N GLN A 96 15.80 -11.75 -14.21
CA GLN A 96 16.23 -13.13 -14.38
C GLN A 96 15.31 -14.03 -13.58
N TRP A 97 14.82 -15.09 -14.23
CA TRP A 97 13.95 -16.08 -13.61
C TRP A 97 14.77 -17.35 -13.37
N LEU A 98 14.99 -17.66 -12.10
CA LEU A 98 15.72 -18.85 -11.71
C LEU A 98 14.73 -19.90 -11.21
N GLY A 99 15.24 -21.02 -10.70
CA GLY A 99 14.37 -22.13 -10.36
C GLY A 99 13.38 -21.79 -9.26
N ASP A 100 13.87 -21.19 -8.17
CA ASP A 100 13.05 -20.91 -7.00
C ASP A 100 13.01 -19.44 -6.63
N ARG A 101 13.65 -18.57 -7.41
CA ARG A 101 13.66 -17.15 -7.10
C ARG A 101 13.79 -16.35 -8.39
N VAL A 102 13.45 -15.08 -8.31
CA VAL A 102 13.52 -14.16 -9.44
C VAL A 102 14.26 -12.92 -9.00
N ILE A 103 15.21 -12.47 -9.81
CA ILE A 103 15.99 -11.27 -9.53
C ILE A 103 15.49 -10.19 -10.48
N THR A 104 14.89 -9.15 -9.92
CA THR A 104 14.34 -8.04 -10.70
C THR A 104 15.19 -6.80 -10.44
N THR A 105 15.78 -6.26 -11.50
CA THR A 105 16.64 -5.08 -11.39
C THR A 105 16.19 -4.03 -12.39
N SER A 106 16.31 -2.77 -11.99
CA SER A 106 15.84 -1.66 -12.81
C SER A 106 16.72 -0.44 -12.56
N THR A 107 17.00 0.31 -13.63
CA THR A 107 17.81 1.51 -13.58
C THR A 107 17.00 2.68 -14.12
N ARG A 108 17.16 3.84 -13.50
CA ARG A 108 16.44 5.05 -13.89
C ARG A 108 17.37 6.24 -13.81
N THR A 109 16.92 7.34 -14.41
CA THR A 109 17.60 8.63 -14.37
C THR A 109 16.83 9.58 -13.48
N TRP A 110 17.54 10.28 -12.60
CA TRP A 110 16.93 11.14 -11.59
C TRP A 110 17.55 12.52 -11.63
N ALA A 111 16.72 13.51 -11.28
CA ALA A 111 17.13 14.90 -11.14
C ALA A 111 16.84 15.36 -9.72
N LEU A 112 17.58 16.37 -9.28
CA LEU A 112 17.50 16.83 -7.90
C LEU A 112 17.78 18.32 -7.79
N PRO A 113 16.80 19.15 -7.40
CA PRO A 113 17.09 20.56 -7.12
C PRO A 113 17.46 20.79 -5.67
N THR A 114 17.67 22.05 -5.30
CA THR A 114 17.87 22.42 -3.90
C THR A 114 16.54 22.81 -3.28
N TYR A 115 16.32 22.35 -2.05
CA TYR A 115 15.05 22.51 -1.36
C TYR A 115 15.18 23.49 -0.21
N ASN A 116 14.22 24.40 -0.10
CA ASN A 116 14.15 25.37 0.99
C ASN A 116 15.35 26.31 1.02
N ASN A 117 16.09 26.43 -0.08
CA ASN A 117 17.29 27.25 -0.11
C ASN A 117 18.26 26.84 0.98
N HIS A 118 18.44 25.53 1.12
CA HIS A 118 19.36 24.97 2.12
C HIS A 118 18.95 25.35 3.54
N LEU A 119 17.64 25.33 3.82
CA LEU A 119 17.14 25.72 5.12
C LEU A 119 16.16 24.68 5.65
N TYR A 120 16.19 24.51 6.98
CA TYR A 120 15.18 23.72 7.69
C TYR A 120 14.07 24.67 8.11
N LYS A 121 12.83 24.35 7.74
CA LYS A 121 11.70 25.25 7.97
C LYS A 121 10.64 24.55 8.82
N GLN A 122 10.23 25.21 9.90
CA GLN A 122 9.10 24.74 10.69
C GLN A 122 7.80 24.93 9.91
N ILE A 123 6.92 23.94 9.98
CA ILE A 123 5.64 23.97 9.28
C ILE A 123 4.53 23.63 10.26
N SER A 124 3.62 24.56 10.46
CA SER A 124 2.41 24.34 11.24
C SER A 124 1.21 24.29 10.29
N SER A 125 0.10 23.76 10.80
CA SER A 125 -1.04 23.50 9.93
C SER A 125 -1.57 24.78 9.29
N GLN A 126 -2.19 25.64 10.09
CA GLN A 126 -2.74 26.90 9.61
C GLN A 126 -3.40 27.58 10.81
N SER A 127 -3.78 28.83 10.61
CA SER A 127 -4.59 29.56 11.58
C SER A 127 -6.05 29.48 11.13
N GLY A 128 -6.84 28.70 11.85
CA GLY A 128 -8.24 28.54 11.54
C GLY A 128 -8.61 27.32 10.70
N ALA A 129 -7.71 26.34 10.60
CA ALA A 129 -8.00 25.14 9.85
C ALA A 129 -8.88 24.19 10.67
N SER A 130 -9.27 23.08 10.04
CA SER A 130 -10.07 22.08 10.74
C SER A 130 -9.26 21.44 11.85
N ASN A 131 -9.97 21.03 12.91
CA ASN A 131 -9.30 20.39 14.03
C ASN A 131 -8.61 19.10 13.61
N ASP A 132 -9.28 18.32 12.75
CA ASP A 132 -8.71 17.05 12.31
C ASP A 132 -7.50 17.26 11.41
N ASN A 133 -7.52 18.30 10.58
CA ASN A 133 -6.41 18.59 9.67
C ASN A 133 -5.44 19.58 10.32
N HIS A 134 -4.87 19.13 11.44
CA HIS A 134 -3.86 19.89 12.16
C HIS A 134 -2.58 19.07 12.19
N TYR A 135 -1.45 19.76 12.19
CA TYR A 135 -0.15 19.10 12.11
C TYR A 135 0.95 20.10 12.41
N PHE A 136 2.02 19.60 13.02
CA PHE A 136 3.22 20.38 13.28
C PHE A 136 4.42 19.53 12.89
N GLY A 137 5.42 20.14 12.27
CA GLY A 137 6.59 19.40 11.88
C GLY A 137 7.64 20.29 11.24
N TYR A 138 8.55 19.65 10.51
CA TYR A 138 9.63 20.35 9.84
C TYR A 138 9.80 19.83 8.42
N SER A 139 10.33 20.71 7.56
CA SER A 139 10.70 20.37 6.19
C SER A 139 12.18 20.68 6.01
N THR A 140 12.91 19.74 5.43
CA THR A 140 14.35 19.81 5.32
C THR A 140 14.80 20.08 3.89
N PRO A 141 16.07 20.42 3.67
CA PRO A 141 16.60 20.53 2.31
C PRO A 141 17.02 19.22 1.69
N TRP A 142 16.62 18.08 2.27
CA TRP A 142 17.08 16.78 1.84
C TRP A 142 16.04 16.09 0.98
N GLY A 143 16.50 15.41 -0.08
CA GLY A 143 15.66 14.52 -0.84
C GLY A 143 15.76 13.10 -0.31
N TYR A 144 14.96 12.21 -0.91
CA TYR A 144 15.02 10.81 -0.56
C TYR A 144 14.57 9.98 -1.75
N PHE A 145 14.96 8.71 -1.76
CA PHE A 145 14.69 7.81 -2.87
C PHE A 145 13.59 6.83 -2.48
N ASP A 146 12.57 6.74 -3.32
CA ASP A 146 11.42 5.87 -3.09
C ASP A 146 11.35 4.83 -4.20
N PHE A 147 11.23 3.56 -3.82
CA PHE A 147 10.96 2.48 -4.76
C PHE A 147 10.01 1.45 -4.15
N ASN A 148 9.09 1.91 -3.31
CA ASN A 148 8.16 1.03 -2.59
C ASN A 148 6.87 0.80 -3.36
N ARG A 149 6.99 0.37 -4.61
CA ARG A 149 5.84 0.00 -5.41
C ARG A 149 6.25 -1.09 -6.39
N PHE A 150 5.34 -2.02 -6.64
CA PHE A 150 5.67 -3.15 -7.50
C PHE A 150 5.95 -2.69 -8.92
N HIS A 151 5.18 -1.72 -9.44
CA HIS A 151 5.42 -1.26 -10.80
C HIS A 151 6.74 -0.51 -10.94
N CYS A 152 7.31 -0.03 -9.83
CA CYS A 152 8.64 0.55 -9.85
C CYS A 152 9.72 -0.52 -9.92
N HIS A 153 9.36 -1.80 -9.81
CA HIS A 153 10.29 -2.91 -9.96
C HIS A 153 9.92 -3.86 -11.08
N PHE A 154 8.69 -4.38 -11.10
CA PHE A 154 8.29 -5.40 -12.06
C PHE A 154 7.87 -4.74 -13.38
N SER A 155 7.48 -5.58 -14.33
CA SER A 155 6.92 -5.16 -15.61
C SER A 155 5.65 -5.96 -15.87
N PRO A 156 4.76 -5.45 -16.74
CA PRO A 156 3.49 -6.15 -16.95
C PRO A 156 3.65 -7.60 -17.35
N ARG A 157 4.57 -7.90 -18.27
CA ARG A 157 4.80 -9.29 -18.65
C ARG A 157 5.37 -10.08 -17.48
N ASP A 158 6.36 -9.51 -16.78
CA ASP A 158 6.92 -10.20 -15.63
C ASP A 158 5.88 -10.41 -14.54
N TRP A 159 5.05 -9.39 -14.29
CA TRP A 159 4.00 -9.52 -13.28
C TRP A 159 3.02 -10.62 -13.64
N GLN A 160 2.55 -10.62 -14.89
CA GLN A 160 1.61 -11.64 -15.34
C GLN A 160 2.24 -13.03 -15.23
N ARG A 161 3.52 -13.15 -15.60
CA ARG A 161 4.20 -14.43 -15.47
C ARG A 161 4.30 -14.87 -14.02
N LEU A 162 4.58 -13.93 -13.12
CA LEU A 162 4.71 -14.26 -11.70
C LEU A 162 3.39 -14.74 -11.12
N ILE A 163 2.29 -14.06 -11.45
CA ILE A 163 1.03 -14.35 -10.78
C ILE A 163 0.30 -15.54 -11.38
N ASN A 164 0.65 -15.95 -12.59
CA ASN A 164 -0.04 -17.03 -13.28
C ASN A 164 0.57 -18.40 -13.02
N ASN A 165 1.64 -18.48 -12.24
CA ASN A 165 2.29 -19.76 -11.98
C ASN A 165 2.70 -19.98 -10.53
N ASN A 166 2.45 -19.02 -9.63
CA ASN A 166 2.98 -19.08 -8.28
C ASN A 166 1.87 -18.92 -7.25
N TRP A 167 2.03 -19.59 -6.12
CA TRP A 167 1.12 -19.50 -5.00
C TRP A 167 1.58 -18.50 -3.94
N GLY A 168 2.74 -17.87 -4.14
CA GLY A 168 3.22 -16.90 -3.18
C GLY A 168 4.58 -16.39 -3.59
N PHE A 169 5.07 -15.43 -2.81
CA PHE A 169 6.38 -14.82 -3.03
C PHE A 169 6.66 -13.86 -1.89
N ARG A 170 7.91 -13.45 -1.78
CA ARG A 170 8.34 -12.50 -0.76
C ARG A 170 9.74 -12.02 -1.11
N PRO A 171 10.16 -10.87 -0.58
CA PRO A 171 11.49 -10.36 -0.89
C PRO A 171 12.56 -11.10 -0.11
N LYS A 172 13.74 -11.22 -0.73
CA LYS A 172 14.88 -11.85 -0.06
C LYS A 172 16.06 -10.91 0.10
N LYS A 173 16.52 -10.25 -0.97
CA LYS A 173 17.72 -9.45 -0.88
C LYS A 173 17.54 -8.16 -1.69
N LEU A 174 18.35 -7.15 -1.35
CA LEU A 174 18.23 -5.84 -1.96
C LEU A 174 19.63 -5.26 -2.20
N SER A 175 19.79 -4.63 -3.36
CA SER A 175 21.01 -3.93 -3.73
C SER A 175 20.64 -2.60 -4.36
N PHE A 176 21.43 -1.57 -4.06
CA PHE A 176 21.14 -0.20 -4.45
C PHE A 176 22.44 0.48 -4.87
N LYS A 177 22.38 1.26 -5.95
CA LYS A 177 23.58 1.87 -6.52
C LYS A 177 23.24 3.25 -7.07
N LEU A 178 24.10 4.22 -6.81
CA LEU A 178 23.99 5.57 -7.35
C LEU A 178 25.27 5.90 -8.09
N PHE A 179 25.15 6.39 -9.33
CA PHE A 179 26.34 6.61 -10.14
C PHE A 179 26.04 7.64 -11.22
N ASN A 180 27.06 7.91 -12.04
CA ASN A 180 26.98 8.84 -13.16
C ASN A 180 26.38 10.17 -12.70
N ILE A 181 26.97 10.71 -11.65
CA ILE A 181 26.45 11.88 -10.96
C ILE A 181 27.07 13.14 -11.55
N GLN A 182 26.25 14.10 -11.92
CA GLN A 182 26.67 15.37 -12.46
C GLN A 182 25.99 16.50 -11.70
N VAL A 183 26.77 17.52 -11.35
CA VAL A 183 26.26 18.72 -10.69
C VAL A 183 26.37 19.86 -11.69
N LYS A 184 25.23 20.50 -11.99
CA LYS A 184 25.15 21.49 -13.05
C LYS A 184 24.71 22.83 -12.47
N GLU A 185 25.48 23.87 -12.75
CA GLU A 185 25.20 25.22 -12.29
C GLU A 185 24.32 25.94 -13.30
N VAL A 186 23.46 26.82 -12.78
CA VAL A 186 22.49 27.55 -13.59
C VAL A 186 22.72 29.04 -13.38
N THR A 187 22.70 29.79 -14.48
CA THR A 187 22.89 31.23 -14.45
C THR A 187 21.74 31.91 -15.19
N GLN A 188 21.24 33.00 -14.61
CA GLN A 188 20.16 33.78 -15.16
C GLN A 188 20.59 35.23 -15.27
N ASN A 189 20.58 35.77 -16.49
CA ASN A 189 20.85 37.18 -16.72
C ASN A 189 19.75 37.88 -17.51
N ASP A 190 18.81 37.14 -18.07
CA ASP A 190 17.74 37.68 -18.88
C ASP A 190 16.65 36.62 -18.97
N GLY A 191 15.70 36.79 -19.90
CA GLY A 191 14.69 35.76 -20.09
C GLY A 191 15.29 34.39 -20.36
N THR A 192 16.50 34.35 -20.89
CA THR A 192 17.17 33.09 -21.15
C THR A 192 17.91 32.60 -19.91
N THR A 193 18.25 31.31 -19.92
CA THR A 193 18.97 30.68 -18.83
C THR A 193 20.11 29.86 -19.41
N THR A 194 21.23 29.80 -18.71
CA THR A 194 22.39 29.04 -19.15
C THR A 194 22.76 27.99 -18.11
N ILE A 195 23.12 26.81 -18.57
CA ILE A 195 23.50 25.70 -17.71
C ILE A 195 24.91 25.27 -18.06
N ALA A 196 25.75 25.12 -17.03
CA ALA A 196 27.15 24.75 -17.21
C ALA A 196 27.51 23.65 -16.24
N ASN A 197 28.60 22.95 -16.54
CA ASN A 197 29.10 21.91 -15.66
C ASN A 197 29.81 22.53 -14.45
N ASN A 198 29.79 21.81 -13.34
CA ASN A 198 30.47 22.23 -12.12
C ASN A 198 31.13 20.98 -11.53
N LEU A 199 32.37 20.74 -11.94
CA LEU A 199 33.02 19.46 -11.65
C LEU A 199 33.44 19.33 -10.20
N THR A 200 33.66 20.44 -9.50
CA THR A 200 34.19 20.41 -8.15
C THR A 200 33.10 20.34 -7.08
N SER A 201 31.83 20.40 -7.45
CA SER A 201 30.75 20.35 -6.48
C SER A 201 30.46 18.93 -6.09
N THR A 202 30.22 18.72 -4.79
CA THR A 202 29.93 17.40 -4.24
C THR A 202 28.43 17.21 -4.07
N VAL A 203 28.08 15.99 -3.66
CA VAL A 203 26.70 15.63 -3.32
C VAL A 203 26.76 14.75 -2.08
N GLN A 204 25.87 14.99 -1.13
CA GLN A 204 25.81 14.24 0.11
C GLN A 204 24.76 13.14 0.00
N VAL A 205 25.09 11.95 0.51
CA VAL A 205 24.15 10.84 0.50
C VAL A 205 24.41 9.97 1.72
N PHE A 206 23.32 9.51 2.35
CA PHE A 206 23.45 8.62 3.49
C PHE A 206 22.17 7.82 3.68
N THR A 207 22.31 6.65 4.30
CA THR A 207 21.19 5.75 4.54
C THR A 207 20.98 5.60 6.03
N ASP A 208 19.72 5.72 6.47
CA ASP A 208 19.35 5.61 7.87
C ASP A 208 19.15 4.13 8.19
N SER A 209 20.27 3.43 8.39
CA SER A 209 20.22 2.00 8.68
C SER A 209 19.84 1.70 10.12
N GLU A 210 19.97 2.67 11.02
CA GLU A 210 19.62 2.47 12.42
C GLU A 210 18.19 2.90 12.72
N TYR A 211 17.44 3.37 11.73
CA TYR A 211 16.04 3.74 11.90
C TYR A 211 15.88 4.74 13.05
N GLN A 212 16.51 5.90 12.88
CA GLN A 212 16.43 6.97 13.85
C GLN A 212 15.60 8.16 13.37
N LEU A 213 15.62 8.46 12.07
CA LEU A 213 14.74 9.48 11.53
C LEU A 213 13.34 8.90 11.30
N PRO A 214 12.31 9.74 11.32
CA PRO A 214 10.96 9.23 11.07
C PRO A 214 10.85 8.58 9.69
N TYR A 215 10.09 7.49 9.64
CA TYR A 215 9.90 6.71 8.41
C TYR A 215 8.68 7.25 7.67
N VAL A 216 8.93 7.95 6.55
CA VAL A 216 7.84 8.51 5.75
C VAL A 216 7.47 7.64 4.57
N LEU A 217 8.24 6.60 4.27
CA LEU A 217 7.82 5.65 3.26
C LEU A 217 6.67 4.80 3.78
N GLY A 218 6.00 4.12 2.85
CA GLY A 218 4.85 3.33 3.23
C GLY A 218 3.60 4.14 3.52
N SER A 219 3.54 5.39 3.07
CA SER A 219 2.36 6.23 3.22
C SER A 219 1.69 6.51 1.88
N ALA A 220 1.98 5.70 0.86
CA ALA A 220 1.37 5.85 -0.46
C ALA A 220 1.62 7.24 -1.04
N HIS A 221 2.84 7.73 -0.88
CA HIS A 221 3.21 9.03 -1.44
C HIS A 221 3.73 8.86 -2.87
N GLN A 222 3.85 9.99 -3.56
CA GLN A 222 4.29 10.01 -4.94
C GLN A 222 5.82 10.01 -5.04
N GLY A 223 6.31 9.59 -6.20
CA GLY A 223 7.71 9.77 -6.52
C GLY A 223 8.62 8.55 -6.40
N CYS A 224 8.19 7.38 -6.89
CA CYS A 224 9.09 6.25 -7.02
C CYS A 224 9.43 6.03 -8.49
N LEU A 225 10.37 5.12 -8.73
CA LEU A 225 11.01 4.97 -10.03
C LEU A 225 9.99 4.70 -11.12
N PRO A 226 9.71 5.65 -12.01
CA PRO A 226 8.53 5.54 -12.87
C PRO A 226 8.42 4.15 -13.48
N PRO A 227 7.20 3.70 -13.76
CA PRO A 227 7.04 2.34 -14.28
C PRO A 227 7.77 2.11 -15.60
N PHE A 228 7.90 3.14 -16.43
CA PHE A 228 8.59 3.00 -17.71
C PHE A 228 10.07 3.32 -17.53
N PRO A 229 10.98 2.42 -17.92
CA PRO A 229 12.40 2.68 -17.69
C PRO A 229 12.93 3.94 -18.37
N ALA A 230 12.30 4.38 -19.46
CA ALA A 230 12.80 5.55 -20.19
C ALA A 230 12.46 6.87 -19.52
N ASP A 231 11.59 6.87 -18.53
CA ASP A 231 11.17 8.11 -17.89
C ASP A 231 12.22 8.61 -16.92
N VAL A 232 12.47 9.91 -16.95
CA VAL A 232 13.38 10.57 -16.02
C VAL A 232 12.53 11.18 -14.90
N PHE A 233 12.93 10.96 -13.65
CA PHE A 233 12.07 11.33 -12.53
C PHE A 233 12.79 12.30 -11.60
N MET A 234 12.05 12.74 -10.60
CA MET A 234 12.46 13.82 -9.70
C MET A 234 12.48 13.30 -8.27
N VAL A 235 13.52 13.66 -7.53
CA VAL A 235 13.70 13.20 -6.16
C VAL A 235 12.77 14.00 -5.25
N PRO A 236 11.84 13.36 -4.53
CA PRO A 236 10.95 14.12 -3.66
C PRO A 236 11.68 14.73 -2.47
N GLN A 237 11.08 15.78 -1.93
CA GLN A 237 11.63 16.43 -0.75
C GLN A 237 11.22 15.69 0.52
N TYR A 238 12.07 15.80 1.54
CA TYR A 238 11.86 15.13 2.81
C TYR A 238 11.25 16.08 3.83
N GLY A 239 10.38 15.54 4.68
CA GLY A 239 9.80 16.30 5.77
C GLY A 239 9.16 15.34 6.73
N TYR A 240 8.94 15.81 7.96
CA TYR A 240 8.38 14.94 8.99
C TYR A 240 7.49 15.75 9.93
N LEU A 241 6.69 15.02 10.70
CA LEU A 241 5.77 15.58 11.67
C LEU A 241 6.16 15.14 13.07
N THR A 242 5.56 15.79 14.07
CA THR A 242 5.80 15.45 15.46
C THR A 242 4.53 15.75 16.25
N LEU A 243 4.61 15.56 17.56
CA LEU A 243 3.46 15.82 18.41
C LEU A 243 3.04 17.29 18.30
N ASN A 244 1.74 17.52 18.34
CA ASN A 244 1.18 18.86 18.25
C ASN A 244 -0.04 18.96 19.13
N ASN A 245 -0.18 20.10 19.81
CA ASN A 245 -1.36 20.39 20.61
C ASN A 245 -2.09 21.53 19.89
N GLY A 246 -2.95 21.15 18.95
CA GLY A 246 -3.52 22.12 18.03
C GLY A 246 -2.52 22.43 16.93
N SER A 247 -2.41 23.70 16.54
CA SER A 247 -1.43 24.09 15.54
C SER A 247 -0.04 24.29 16.13
N GLN A 248 0.09 24.30 17.45
CA GLN A 248 1.37 24.54 18.10
C GLN A 248 2.08 23.22 18.36
N ALA A 249 3.15 23.26 19.15
CA ALA A 249 3.94 22.10 19.49
C ALA A 249 3.96 21.91 21.01
N VAL A 250 4.58 20.81 21.43
CA VAL A 250 4.72 20.49 22.84
C VAL A 250 6.20 20.16 23.10
N GLY A 251 6.60 20.32 24.37
CA GLY A 251 7.98 20.07 24.73
C GLY A 251 8.46 18.68 24.38
N ARG A 252 7.54 17.70 24.31
CA ARG A 252 7.90 16.35 23.94
C ARG A 252 8.24 16.21 22.46
N SER A 253 7.99 17.24 21.65
CA SER A 253 8.29 17.17 20.23
C SER A 253 9.80 17.09 20.00
N SER A 254 10.17 16.49 18.88
CA SER A 254 11.56 16.24 18.54
C SER A 254 11.94 16.99 17.27
N PHE A 255 13.21 17.40 17.20
CA PHE A 255 13.77 18.01 16.01
C PHE A 255 14.97 17.18 15.58
N TYR A 256 15.03 16.85 14.29
CA TYR A 256 16.11 16.06 13.72
C TYR A 256 16.79 16.87 12.64
N CYS A 257 18.10 17.06 12.79
CA CYS A 257 18.91 17.70 11.75
C CYS A 257 19.67 16.60 11.00
N LEU A 258 19.43 16.51 9.69
CA LEU A 258 20.01 15.44 8.91
C LEU A 258 21.48 15.68 8.59
N GLU A 259 21.96 16.91 8.70
CA GLU A 259 23.39 17.18 8.63
C GLU A 259 24.13 16.62 9.83
N TYR A 260 23.42 16.23 10.88
CA TYR A 260 24.00 15.68 12.09
C TYR A 260 24.23 14.18 11.99
N PHE A 261 24.33 13.65 10.77
CA PHE A 261 24.53 12.24 10.50
C PHE A 261 25.80 12.04 9.68
N PRO A 262 26.56 10.97 9.92
CA PRO A 262 27.68 10.66 9.02
C PRO A 262 27.18 10.37 7.62
N SER A 263 27.65 11.15 6.66
CA SER A 263 27.18 11.08 5.29
C SER A 263 28.37 11.06 4.34
N GLN A 264 28.16 10.47 3.17
CA GLN A 264 29.20 10.33 2.16
C GLN A 264 29.06 11.43 1.12
N MET A 265 30.16 12.14 0.87
CA MET A 265 30.21 13.20 -0.12
C MET A 265 30.91 12.68 -1.37
N LEU A 266 30.26 12.86 -2.52
CA LEU A 266 30.76 12.25 -3.74
C LEU A 266 30.66 13.24 -4.90
N ARG A 267 31.69 13.24 -5.73
CA ARG A 267 31.80 14.10 -6.90
C ARG A 267 31.51 13.29 -8.16
N THR A 268 31.72 13.92 -9.32
CA THR A 268 31.57 13.23 -10.60
C THR A 268 32.72 12.24 -10.76
N GLY A 269 32.41 10.95 -10.62
CA GLY A 269 33.41 9.91 -10.70
C GLY A 269 33.24 8.92 -9.58
N ASN A 270 32.79 9.40 -8.43
CA ASN A 270 32.48 8.54 -7.30
C ASN A 270 31.07 7.97 -7.44
N ASN A 271 30.81 6.90 -6.70
CA ASN A 271 29.51 6.25 -6.71
C ASN A 271 29.22 5.68 -5.33
N PHE A 272 27.94 5.38 -5.09
CA PHE A 272 27.47 4.91 -3.80
C PHE A 272 26.84 3.53 -3.95
N GLN A 273 27.19 2.61 -3.06
CA GLN A 273 26.67 1.26 -3.07
C GLN A 273 25.99 0.96 -1.74
N PHE A 274 25.05 0.01 -1.76
CA PHE A 274 24.32 -0.35 -0.56
C PHE A 274 23.70 -1.73 -0.75
N SER A 275 23.78 -2.56 0.28
CA SER A 275 23.19 -3.90 0.26
C SER A 275 22.39 -4.13 1.52
N TYR A 276 21.33 -4.94 1.41
CA TYR A 276 20.39 -5.14 2.51
C TYR A 276 19.73 -6.50 2.38
N THR A 277 19.36 -7.07 3.52
CA THR A 277 18.72 -8.38 3.57
C THR A 277 17.41 -8.27 4.33
N PHE A 278 16.32 -8.70 3.70
CA PHE A 278 15.02 -8.69 4.36
C PHE A 278 14.98 -9.75 5.45
N GLU A 279 14.18 -9.48 6.48
CA GLU A 279 14.00 -10.44 7.56
C GLU A 279 12.89 -11.42 7.19
N ASP A 280 12.74 -12.47 7.99
CA ASP A 280 11.73 -13.48 7.72
C ASP A 280 10.35 -12.85 7.72
N VAL A 281 9.55 -13.18 6.70
CA VAL A 281 8.21 -12.63 6.55
C VAL A 281 7.33 -13.68 5.88
N PRO A 282 6.06 -13.79 6.25
CA PRO A 282 5.21 -14.80 5.62
C PRO A 282 5.05 -14.57 4.13
N PHE A 283 4.91 -15.67 3.39
CA PHE A 283 4.62 -15.59 1.97
C PHE A 283 3.28 -14.89 1.75
N HIS A 284 3.20 -14.08 0.69
CA HIS A 284 1.94 -13.46 0.33
C HIS A 284 1.06 -14.46 -0.41
N SER A 285 -0.21 -14.54 -0.01
CA SER A 285 -1.14 -15.52 -0.58
C SER A 285 -1.64 -15.01 -1.92
N SER A 286 -0.96 -15.43 -2.98
CA SER A 286 -1.35 -15.08 -4.35
C SER A 286 -2.27 -16.15 -4.94
N TYR A 287 -3.36 -16.45 -4.25
CA TYR A 287 -4.31 -17.44 -4.72
C TYR A 287 -5.66 -17.17 -4.06
N ALA A 288 -6.71 -17.65 -4.71
CA ALA A 288 -8.05 -17.64 -4.15
C ALA A 288 -8.35 -19.00 -3.53
N HIS A 289 -9.54 -19.14 -2.96
CA HIS A 289 -9.95 -20.38 -2.32
C HIS A 289 -11.03 -21.04 -3.18
N SER A 290 -10.85 -22.34 -3.44
CA SER A 290 -11.85 -23.10 -4.18
C SER A 290 -12.96 -23.64 -3.29
N GLN A 291 -12.84 -23.47 -1.99
CA GLN A 291 -13.86 -23.89 -1.02
C GLN A 291 -14.30 -22.69 -0.20
N SER A 292 -15.26 -22.91 0.68
CA SER A 292 -15.82 -21.87 1.53
C SER A 292 -15.88 -22.36 2.96
N LEU A 293 -15.82 -21.42 3.89
CA LEU A 293 -15.88 -21.79 5.31
C LEU A 293 -17.20 -22.49 5.63
N ASP A 294 -18.31 -21.93 5.17
CA ASP A 294 -19.62 -22.50 5.47
C ASP A 294 -19.90 -23.80 4.71
N ARG A 295 -19.12 -24.09 3.67
CA ARG A 295 -19.27 -25.32 2.89
C ARG A 295 -17.90 -25.96 2.79
N LEU A 296 -17.60 -26.77 3.79
CA LEU A 296 -16.28 -27.41 3.94
C LEU A 296 -16.43 -28.88 4.32
N MET A 297 -17.61 -29.46 4.12
CA MET A 297 -17.95 -30.77 4.65
C MET A 297 -18.26 -31.74 3.50
N ASN A 298 -18.73 -32.92 3.88
CA ASN A 298 -19.14 -33.94 2.92
C ASN A 298 -20.60 -33.69 2.51
N PRO A 299 -20.88 -33.50 1.22
CA PRO A 299 -22.28 -33.29 0.79
C PRO A 299 -23.12 -34.55 0.76
N LEU A 300 -22.63 -35.68 1.27
CA LEU A 300 -23.32 -36.96 1.17
C LEU A 300 -23.69 -37.60 2.49
N ILE A 301 -23.04 -37.22 3.59
CA ILE A 301 -23.15 -37.94 4.86
C ILE A 301 -23.68 -36.98 5.92
N ASP A 302 -24.66 -37.43 6.68
CA ASP A 302 -25.21 -36.61 7.76
C ASP A 302 -24.21 -36.50 8.90
N GLN A 303 -24.45 -35.52 9.77
CA GLN A 303 -23.69 -35.35 10.99
C GLN A 303 -24.30 -36.19 12.10
N TYR A 304 -23.46 -36.62 13.04
CA TYR A 304 -23.92 -37.41 14.17
C TYR A 304 -24.21 -36.56 15.40
N LEU A 305 -24.17 -35.23 15.28
CA LEU A 305 -24.45 -34.33 16.38
C LEU A 305 -25.84 -33.74 16.21
N TYR A 306 -26.62 -33.73 17.27
CA TYR A 306 -27.99 -33.27 17.23
C TYR A 306 -28.07 -31.77 17.47
N TYR A 307 -29.10 -31.15 16.88
CA TYR A 307 -29.33 -29.73 17.00
C TYR A 307 -30.82 -29.48 17.17
N LEU A 308 -31.15 -28.51 18.01
CA LEU A 308 -32.54 -28.11 18.21
C LEU A 308 -33.09 -27.50 16.93
N ASN A 309 -34.11 -28.11 16.35
CA ASN A 309 -34.69 -27.61 15.11
C ASN A 309 -36.14 -27.16 15.23
N ARG A 310 -36.82 -27.50 16.32
CA ARG A 310 -38.21 -27.13 16.50
C ARG A 310 -38.46 -26.85 17.96
N THR A 311 -39.29 -25.85 18.26
CA THR A 311 -39.73 -25.57 19.62
C THR A 311 -41.19 -25.91 19.84
N GLN A 312 -42.01 -25.87 18.80
CA GLN A 312 -43.40 -26.30 18.90
C GLN A 312 -43.44 -27.83 18.76
N GLY A 313 -44.64 -28.38 18.72
CA GLY A 313 -44.83 -29.82 18.56
C GLY A 313 -45.15 -30.17 17.12
N THR A 314 -44.49 -31.20 16.61
CA THR A 314 -44.75 -31.66 15.25
C THR A 314 -46.04 -32.46 15.16
N THR A 315 -46.37 -33.22 16.20
CA THR A 315 -47.55 -34.07 16.17
C THR A 315 -48.82 -33.22 16.21
N SER A 316 -49.93 -33.84 15.80
CA SER A 316 -51.22 -33.16 15.80
C SER A 316 -51.65 -32.83 17.21
N GLY A 317 -52.19 -31.62 17.40
CA GLY A 317 -52.66 -31.17 18.69
C GLY A 317 -51.60 -30.56 19.57
N THR A 318 -50.33 -30.59 19.16
CA THR A 318 -49.24 -30.00 19.92
C THR A 318 -48.48 -28.94 19.13
N THR A 319 -49.02 -28.53 17.98
CA THR A 319 -48.36 -27.51 17.17
C THR A 319 -48.42 -26.12 17.79
N ASN A 320 -49.21 -25.93 18.83
CA ASN A 320 -49.37 -24.63 19.48
C ASN A 320 -48.84 -24.63 20.91
N GLN A 321 -48.02 -25.63 21.27
CA GLN A 321 -47.42 -25.71 22.60
C GLN A 321 -45.95 -26.05 22.47
N SER A 322 -45.17 -25.58 23.44
CA SER A 322 -43.72 -25.69 23.37
C SER A 322 -43.27 -27.13 23.61
N ARG A 323 -42.33 -27.60 22.78
CA ARG A 323 -41.74 -28.92 22.95
C ARG A 323 -40.44 -28.92 22.14
N LEU A 324 -39.31 -29.06 22.83
CA LEU A 324 -38.02 -29.05 22.14
C LEU A 324 -37.85 -30.33 21.33
N LEU A 325 -37.40 -30.17 20.08
CA LEU A 325 -37.18 -31.30 19.18
C LEU A 325 -35.81 -31.14 18.52
N PHE A 326 -35.10 -32.25 18.40
CA PHE A 326 -33.73 -32.27 17.92
C PHE A 326 -33.61 -33.13 16.68
N SER A 327 -32.84 -32.65 15.70
CA SER A 327 -32.63 -33.34 14.44
C SER A 327 -31.13 -33.43 14.16
N GLN A 328 -30.79 -34.09 13.07
CA GLN A 328 -29.42 -34.20 12.60
C GLN A 328 -29.29 -33.48 11.27
N ALA A 329 -28.27 -32.63 11.14
CA ALA A 329 -28.09 -31.83 9.95
C ALA A 329 -27.40 -32.66 8.87
N GLY A 330 -27.98 -32.67 7.68
CA GLY A 330 -27.42 -33.37 6.55
C GLY A 330 -27.23 -32.46 5.36
N PRO A 331 -27.09 -33.05 4.16
CA PRO A 331 -26.91 -32.21 2.97
C PRO A 331 -28.05 -31.22 2.75
N GLN A 332 -29.27 -31.56 3.14
CA GLN A 332 -30.39 -30.66 2.93
C GLN A 332 -30.33 -29.48 3.89
N SER A 333 -30.36 -29.75 5.19
CA SER A 333 -30.24 -28.71 6.20
C SER A 333 -28.76 -28.40 6.46
N MET A 334 -28.10 -27.95 5.39
CA MET A 334 -26.67 -27.75 5.41
C MET A 334 -26.26 -26.48 6.14
N SER A 335 -27.20 -25.59 6.46
CA SER A 335 -26.90 -24.35 7.16
C SER A 335 -27.01 -24.49 8.68
N LEU A 336 -27.37 -25.67 9.19
CA LEU A 336 -27.56 -25.87 10.61
C LEU A 336 -26.55 -26.84 11.21
N GLN A 337 -25.45 -27.12 10.49
CA GLN A 337 -24.45 -28.05 10.96
C GLN A 337 -23.55 -27.40 12.01
N ALA A 338 -22.72 -28.22 12.63
CA ALA A 338 -21.67 -27.74 13.52
C ALA A 338 -20.41 -27.46 12.73
N ARG A 339 -19.63 -26.48 13.20
CA ARG A 339 -18.45 -26.03 12.48
C ARG A 339 -17.34 -25.70 13.48
N ASN A 340 -16.12 -25.59 12.96
CA ASN A 340 -14.94 -25.37 13.77
C ASN A 340 -14.46 -23.93 13.79
N TRP A 341 -14.75 -23.14 12.76
CA TRP A 341 -14.12 -21.84 12.59
C TRP A 341 -15.18 -20.79 12.28
N LEU A 342 -14.78 -19.53 12.43
CA LEU A 342 -15.63 -18.38 12.18
C LEU A 342 -14.96 -17.45 11.18
N PRO A 343 -15.72 -16.62 10.48
CA PRO A 343 -15.11 -15.69 9.54
C PRO A 343 -14.36 -14.57 10.24
N GLY A 344 -13.46 -13.94 9.51
CA GLY A 344 -12.61 -12.91 10.04
C GLY A 344 -13.35 -11.76 10.69
N PRO A 345 -12.63 -10.91 11.41
CA PRO A 345 -13.27 -9.77 12.06
C PRO A 345 -13.81 -8.77 11.05
N CYS A 346 -14.81 -8.01 11.48
CA CYS A 346 -15.53 -7.08 10.63
C CYS A 346 -15.50 -5.67 11.20
N TYR A 347 -15.58 -4.69 10.30
CA TYR A 347 -15.70 -3.27 10.66
C TYR A 347 -16.53 -2.64 9.54
N ARG A 348 -17.83 -2.53 9.78
CA ARG A 348 -18.76 -2.24 8.69
C ARG A 348 -18.49 -0.88 8.05
N GLN A 349 -18.74 -0.82 6.75
CA GLN A 349 -18.59 0.41 5.97
C GLN A 349 -19.83 0.61 5.12
N GLN A 350 -20.07 1.86 4.73
CA GLN A 350 -21.22 2.17 3.90
C GLN A 350 -21.02 1.62 2.49
N ARG A 351 -22.12 1.51 1.76
CA ARG A 351 -22.14 0.94 0.42
C ARG A 351 -22.49 2.01 -0.60
N LEU A 352 -21.89 1.92 -1.79
CA LEU A 352 -22.16 2.84 -2.88
C LEU A 352 -22.34 2.05 -4.17
N SER A 353 -23.37 2.42 -4.92
CA SER A 353 -23.57 1.85 -6.24
C SER A 353 -22.74 2.61 -7.26
N LYS A 354 -22.19 1.88 -8.23
CA LYS A 354 -21.40 2.53 -9.26
C LYS A 354 -22.23 3.45 -10.14
N THR A 355 -23.56 3.33 -10.09
CA THR A 355 -24.46 4.25 -10.79
C THR A 355 -24.79 5.43 -9.88
N ALA A 356 -24.56 6.64 -10.37
CA ALA A 356 -24.71 7.82 -9.53
C ALA A 356 -26.14 7.99 -9.04
N ASN A 357 -27.12 7.79 -9.93
CA ASN A 357 -28.51 8.07 -9.57
C ASN A 357 -29.06 7.10 -8.54
N ASP A 358 -28.42 5.93 -8.36
CA ASP A 358 -28.91 4.95 -7.40
C ASP A 358 -28.49 5.25 -5.97
N ASN A 359 -27.65 6.26 -5.76
CA ASN A 359 -27.19 6.61 -4.42
C ASN A 359 -28.05 7.73 -3.83
N ASN A 360 -27.89 7.93 -2.52
CA ASN A 360 -28.60 8.98 -1.83
C ASN A 360 -28.11 10.35 -2.31
N ASN A 361 -29.04 11.31 -2.34
CA ASN A 361 -28.73 12.67 -2.79
C ASN A 361 -28.33 13.54 -1.61
N SER A 362 -27.10 13.31 -1.14
CA SER A 362 -26.54 14.12 -0.07
C SER A 362 -25.03 13.94 -0.08
N ASN A 363 -24.34 14.85 0.61
CA ASN A 363 -22.89 14.79 0.76
C ASN A 363 -22.52 14.05 2.04
N PHE A 364 -22.90 12.77 2.08
CA PHE A 364 -22.72 11.96 3.28
C PHE A 364 -21.27 11.61 3.62
N PRO A 365 -20.32 11.55 2.68
CA PRO A 365 -18.96 11.16 3.08
C PRO A 365 -18.42 12.07 4.17
N TRP A 366 -17.71 11.45 5.12
CA TRP A 366 -17.19 12.10 6.32
C TRP A 366 -18.28 12.39 7.34
N THR A 367 -19.54 12.16 6.97
CA THR A 367 -20.64 12.23 7.92
C THR A 367 -21.37 10.91 8.07
N ALA A 368 -21.12 9.95 7.18
CA ALA A 368 -21.65 8.61 7.29
C ALA A 368 -20.57 7.57 7.00
N ALA A 369 -19.32 7.90 7.34
CA ALA A 369 -18.18 7.05 7.06
C ALA A 369 -17.66 6.44 8.35
N SER A 370 -17.27 5.17 8.28
CA SER A 370 -16.65 4.50 9.42
C SER A 370 -15.30 5.15 9.69
N LYS A 371 -15.21 5.90 10.78
CA LYS A 371 -14.01 6.64 11.12
C LYS A 371 -13.65 6.39 12.57
N TYR A 372 -12.36 6.54 12.88
CA TYR A 372 -11.86 6.35 14.23
C TYR A 372 -11.15 7.62 14.66
N HIS A 373 -11.29 7.99 15.94
CA HIS A 373 -10.72 9.22 16.44
C HIS A 373 -9.83 8.93 17.64
N LEU A 374 -8.67 9.60 17.68
CA LEU A 374 -7.76 9.50 18.81
C LEU A 374 -7.24 10.89 19.14
N ASN A 375 -6.86 11.07 20.41
CA ASN A 375 -6.40 12.36 20.91
C ASN A 375 -7.39 13.46 20.57
N GLY A 376 -8.67 13.10 20.45
CA GLY A 376 -9.71 14.08 20.21
C GLY A 376 -9.90 14.49 18.77
N ARG A 377 -9.20 13.87 17.83
CA ARG A 377 -9.33 14.21 16.42
C ARG A 377 -9.63 12.96 15.61
N ASP A 378 -10.48 13.11 14.60
CA ASP A 378 -10.97 12.00 13.80
C ASP A 378 -9.96 11.62 12.73
N SER A 379 -10.22 10.48 12.09
CA SER A 379 -9.41 10.01 10.97
C SER A 379 -10.21 8.93 10.26
N LEU A 380 -9.94 8.79 8.97
CA LEU A 380 -10.73 7.92 8.10
C LEU A 380 -9.97 6.63 7.83
N VAL A 381 -10.66 5.50 7.97
CA VAL A 381 -10.09 4.19 7.66
C VAL A 381 -10.32 3.96 6.16
N ASN A 382 -9.33 4.28 5.34
CA ASN A 382 -9.51 4.14 3.91
C ASN A 382 -9.44 2.66 3.50
N PRO A 383 -8.33 1.96 3.76
CA PRO A 383 -8.30 0.54 3.40
C PRO A 383 -9.21 -0.26 4.31
N GLY A 384 -9.04 -0.08 5.62
CA GLY A 384 -9.79 -0.81 6.60
C GLY A 384 -9.36 -2.27 6.62
N PRO A 385 -10.00 -3.07 7.48
CA PRO A 385 -9.69 -4.50 7.49
C PRO A 385 -9.97 -5.13 6.13
N ALA A 386 -9.23 -6.19 5.83
CA ALA A 386 -9.42 -6.91 4.57
C ALA A 386 -10.78 -7.59 4.58
N MET A 387 -11.72 -7.05 3.80
CA MET A 387 -13.09 -7.54 3.77
C MET A 387 -13.61 -7.49 2.34
N ALA A 388 -14.46 -8.46 2.00
CA ALA A 388 -14.91 -8.60 0.62
C ALA A 388 -15.66 -7.38 0.15
N SER A 389 -15.46 -7.02 -1.12
CA SER A 389 -16.07 -5.80 -1.65
C SER A 389 -17.58 -5.92 -1.77
N HIS A 390 -18.06 -7.04 -2.30
CA HIS A 390 -19.49 -7.20 -2.55
C HIS A 390 -19.83 -8.68 -2.49
N LYS A 391 -21.13 -8.97 -2.54
CA LYS A 391 -21.61 -10.34 -2.55
C LYS A 391 -21.52 -10.90 -3.97
N ASP A 392 -22.08 -12.08 -4.17
CA ASP A 392 -22.14 -12.66 -5.50
C ASP A 392 -23.23 -11.98 -6.32
N ASP A 393 -22.98 -11.85 -7.62
CA ASP A 393 -23.93 -11.27 -8.57
C ASP A 393 -24.23 -9.81 -8.27
N GLU A 394 -23.34 -9.12 -7.55
CA GLU A 394 -23.53 -7.69 -7.31
C GLU A 394 -22.79 -6.86 -8.34
N GLU A 395 -21.46 -6.95 -8.35
CA GLU A 395 -20.64 -6.36 -9.41
C GLU A 395 -20.91 -4.87 -9.60
N LYS A 396 -21.67 -4.27 -8.70
CA LYS A 396 -22.12 -2.88 -8.84
C LYS A 396 -21.95 -2.06 -7.59
N PHE A 397 -21.81 -2.68 -6.43
CA PHE A 397 -21.67 -1.98 -5.16
C PHE A 397 -20.24 -2.13 -4.65
N PHE A 398 -19.71 -1.03 -4.12
CA PHE A 398 -18.40 -1.03 -3.48
C PHE A 398 -18.49 -0.28 -2.17
N PRO A 399 -17.71 -0.68 -1.16
CA PRO A 399 -17.73 0.03 0.12
C PRO A 399 -17.12 1.42 -0.02
N MET A 400 -17.64 2.35 0.78
CA MET A 400 -17.07 3.69 0.83
C MET A 400 -15.78 3.64 1.65
N HIS A 401 -14.66 4.00 1.01
CA HIS A 401 -13.35 3.93 1.65
C HIS A 401 -13.08 2.51 2.15
N GLY A 402 -13.14 1.57 1.21
CA GLY A 402 -12.97 0.17 1.53
C GLY A 402 -12.07 -0.58 0.57
N ASN A 403 -11.49 0.13 -0.40
CA ASN A 403 -10.57 -0.49 -1.34
C ASN A 403 -9.70 0.59 -1.96
N LEU A 404 -8.54 0.17 -2.46
CA LEU A 404 -7.61 1.11 -3.07
C LEU A 404 -8.18 1.61 -4.40
N ILE A 405 -8.02 2.91 -4.63
CA ILE A 405 -8.47 3.56 -5.86
C ILE A 405 -7.25 4.20 -6.52
N PHE A 406 -6.93 3.74 -7.73
CA PHE A 406 -5.81 4.28 -8.49
C PHE A 406 -6.32 5.28 -9.52
N GLY A 407 -5.41 6.11 -10.01
CA GLY A 407 -5.72 7.12 -11.00
C GLY A 407 -5.24 6.70 -12.38
N LYS A 408 -6.03 7.03 -13.40
CA LYS A 408 -5.62 6.78 -14.76
C LYS A 408 -4.65 7.87 -15.22
N GLU A 409 -3.95 7.60 -16.31
CA GLU A 409 -2.97 8.54 -16.82
C GLU A 409 -3.63 9.86 -17.18
N GLY A 410 -3.01 10.96 -16.79
CA GLY A 410 -3.54 12.28 -17.08
C GLY A 410 -4.87 12.56 -16.42
N THR A 411 -5.00 12.25 -15.14
CA THR A 411 -6.24 12.47 -14.39
C THR A 411 -6.00 13.53 -13.32
N THR A 412 -6.97 14.44 -13.17
CA THR A 412 -6.85 15.48 -12.16
C THR A 412 -6.85 14.87 -10.76
N ALA A 413 -6.11 15.50 -9.85
CA ALA A 413 -6.00 15.03 -8.49
C ALA A 413 -7.10 15.56 -7.58
N SER A 414 -8.00 16.39 -8.10
CA SER A 414 -9.08 16.98 -7.30
C SER A 414 -10.40 16.78 -8.01
N ASN A 415 -11.29 16.02 -7.39
CA ASN A 415 -12.66 15.82 -7.88
C ASN A 415 -12.67 15.24 -9.29
N ALA A 416 -12.04 14.08 -9.44
CA ALA A 416 -12.07 13.36 -10.70
C ALA A 416 -13.37 12.56 -10.83
N GLU A 417 -13.70 12.22 -12.07
CA GLU A 417 -14.93 11.48 -12.33
C GLU A 417 -14.73 9.99 -12.02
N LEU A 418 -15.86 9.29 -11.93
CA LEU A 418 -15.80 7.86 -11.61
C LEU A 418 -15.12 7.07 -12.71
N ASP A 419 -15.34 7.46 -13.97
CA ASP A 419 -14.75 6.73 -15.09
C ASP A 419 -13.26 7.04 -15.26
N ASN A 420 -12.74 8.04 -14.58
CA ASN A 420 -11.33 8.41 -14.68
C ASN A 420 -10.46 7.75 -13.61
N VAL A 421 -11.04 6.89 -12.78
CA VAL A 421 -10.28 6.23 -11.72
C VAL A 421 -10.39 4.71 -11.89
N MET A 422 -9.80 3.98 -10.96
CA MET A 422 -9.62 2.53 -11.09
C MET A 422 -9.82 1.93 -9.69
N ILE A 423 -11.00 1.39 -9.44
CA ILE A 423 -11.35 0.87 -8.13
C ILE A 423 -11.02 -0.62 -8.08
N THR A 424 -10.20 -1.02 -7.11
CA THR A 424 -9.80 -2.41 -6.98
C THR A 424 -10.89 -3.22 -6.29
N ASP A 425 -11.01 -4.48 -6.67
CA ASP A 425 -12.02 -5.38 -6.14
C ASP A 425 -11.33 -6.49 -5.33
N GLU A 426 -11.88 -6.78 -4.16
CA GLU A 426 -11.37 -7.81 -3.28
C GLU A 426 -12.42 -8.89 -3.04
N GLU A 427 -13.10 -9.31 -4.10
CA GLU A 427 -14.12 -10.34 -3.97
C GLU A 427 -13.52 -11.73 -3.75
N GLU A 428 -12.25 -11.92 -4.09
CA GLU A 428 -11.64 -13.24 -3.97
C GLU A 428 -11.68 -13.76 -2.55
N ILE A 429 -11.81 -12.89 -1.56
CA ILE A 429 -11.82 -13.29 -0.16
C ILE A 429 -13.23 -13.40 0.39
N ARG A 430 -14.24 -13.49 -0.49
CA ARG A 430 -15.60 -13.70 -0.02
C ARG A 430 -15.73 -14.99 0.76
N THR A 431 -14.89 -15.98 0.45
CA THR A 431 -15.02 -17.30 1.08
C THR A 431 -14.73 -17.25 2.57
N THR A 432 -13.72 -16.50 2.99
CA THR A 432 -13.31 -16.41 4.37
C THR A 432 -13.69 -15.10 5.04
N ASN A 433 -13.35 -13.98 4.41
CA ASN A 433 -13.61 -12.68 5.01
C ASN A 433 -15.07 -12.27 4.79
N PRO A 434 -15.72 -11.67 5.80
CA PRO A 434 -17.09 -11.20 5.61
C PRO A 434 -17.16 -10.00 4.69
N VAL A 435 -18.31 -9.85 4.02
CA VAL A 435 -18.52 -8.72 3.13
C VAL A 435 -18.52 -7.43 3.94
N ALA A 436 -18.02 -6.35 3.33
CA ALA A 436 -17.84 -5.10 4.06
C ALA A 436 -19.15 -4.36 4.23
N THR A 437 -20.04 -4.42 3.24
CA THR A 437 -21.29 -3.66 3.32
C THR A 437 -22.25 -4.27 4.33
N GLU A 438 -22.21 -5.58 4.51
CA GLU A 438 -23.16 -6.27 5.38
C GLU A 438 -22.55 -6.42 6.78
N GLN A 439 -23.23 -7.19 7.64
CA GLN A 439 -22.88 -7.34 9.04
C GLN A 439 -22.19 -8.68 9.29
N TYR A 440 -21.68 -8.84 10.50
CA TYR A 440 -21.11 -10.12 10.91
C TYR A 440 -22.20 -11.13 11.26
N GLY A 441 -23.31 -10.66 11.83
CA GLY A 441 -24.40 -11.56 12.17
C GLY A 441 -25.29 -10.94 13.23
N THR A 442 -25.93 -11.81 14.01
CA THR A 442 -26.83 -11.40 15.08
C THR A 442 -26.48 -12.17 16.34
N VAL A 443 -26.75 -11.55 17.49
CA VAL A 443 -26.50 -12.15 18.79
C VAL A 443 -27.72 -11.93 19.68
N ALA A 444 -28.10 -12.95 20.43
CA ALA A 444 -29.19 -12.81 21.39
C ALA A 444 -28.81 -11.78 22.45
N ASN A 445 -29.80 -11.00 22.88
CA ASN A 445 -29.54 -9.94 23.85
C ASN A 445 -30.60 -9.87 24.95
N ASN A 446 -31.23 -10.97 25.30
CA ASN A 446 -32.20 -10.98 26.38
C ASN A 446 -32.40 -12.42 26.84
N LEU A 447 -33.09 -12.57 27.96
CA LEU A 447 -33.43 -13.87 28.52
C LEU A 447 -34.87 -14.17 28.16
N GLN A 448 -35.07 -15.02 27.17
CA GLN A 448 -36.42 -15.38 26.76
C GLN A 448 -37.07 -16.28 27.80
N SER A 449 -38.39 -16.20 27.88
CA SER A 449 -39.17 -16.99 28.82
C SER A 449 -40.58 -17.11 28.28
N SER A 450 -41.50 -17.60 29.11
CA SER A 450 -42.88 -17.74 28.68
C SER A 450 -43.50 -16.38 28.37
N ASN A 451 -43.26 -15.39 29.23
CA ASN A 451 -43.86 -14.08 29.03
C ASN A 451 -43.19 -13.30 27.91
N THR A 452 -41.86 -13.34 27.83
CA THR A 452 -41.10 -12.51 26.90
C THR A 452 -40.51 -13.39 25.81
N ALA A 453 -40.73 -12.99 24.55
CA ALA A 453 -40.18 -13.69 23.42
C ALA A 453 -38.71 -13.32 23.24
N PRO A 454 -37.90 -14.23 22.68
CA PRO A 454 -36.48 -13.92 22.50
C PRO A 454 -36.27 -12.78 21.51
N THR A 455 -35.23 -12.00 21.76
CA THR A 455 -34.88 -10.86 20.91
C THR A 455 -33.38 -10.90 20.63
N THR A 456 -33.01 -10.58 19.40
CA THR A 456 -31.62 -10.55 18.96
C THR A 456 -31.26 -9.15 18.48
N ARG A 457 -29.96 -8.92 18.29
CA ARG A 457 -29.45 -7.65 17.79
C ARG A 457 -28.40 -7.91 16.74
N THR A 458 -28.42 -7.12 15.67
CA THR A 458 -27.41 -7.22 14.63
C THR A 458 -26.10 -6.58 15.10
N VAL A 459 -24.99 -7.21 14.78
CA VAL A 459 -23.66 -6.76 15.18
C VAL A 459 -22.87 -6.40 13.92
N ASN A 460 -22.43 -5.14 13.85
CA ASN A 460 -21.68 -4.64 12.71
C ASN A 460 -20.19 -4.48 12.96
N ASP A 461 -19.78 -4.38 14.22
CA ASP A 461 -18.37 -4.29 14.60
C ASP A 461 -18.01 -5.52 15.40
N GLN A 462 -17.05 -6.30 14.90
CA GLN A 462 -16.66 -7.55 15.52
C GLN A 462 -15.16 -7.57 15.77
N GLY A 463 -14.76 -7.94 16.98
CA GLY A 463 -13.36 -8.06 17.32
C GLY A 463 -12.81 -9.40 16.92
N ALA A 464 -11.93 -9.96 17.74
CA ALA A 464 -11.29 -11.24 17.46
C ALA A 464 -11.81 -12.29 18.44
N LEU A 465 -12.31 -13.40 17.91
CA LEU A 465 -12.77 -14.52 18.71
C LEU A 465 -11.91 -15.75 18.43
N PRO A 466 -11.81 -16.68 19.38
CA PRO A 466 -11.09 -17.93 19.11
C PRO A 466 -11.71 -18.68 17.94
N GLY A 467 -10.86 -19.31 17.14
CA GLY A 467 -11.32 -20.02 15.97
C GLY A 467 -11.50 -19.17 14.73
N MET A 468 -11.18 -17.89 14.79
CA MET A 468 -11.35 -17.00 13.66
C MET A 468 -10.24 -17.21 12.64
N VAL A 469 -10.62 -17.34 11.37
CA VAL A 469 -9.68 -17.48 10.27
C VAL A 469 -10.07 -16.48 9.19
N TRP A 470 -9.07 -15.77 8.65
CA TRP A 470 -9.32 -14.73 7.67
C TRP A 470 -8.18 -14.70 6.67
N GLN A 471 -8.30 -13.81 5.69
CA GLN A 471 -7.31 -13.66 4.63
C GLN A 471 -6.92 -12.19 4.52
N ASP A 472 -5.70 -11.94 4.06
CA ASP A 472 -5.16 -10.60 3.99
C ASP A 472 -5.51 -9.95 2.65
N ARG A 473 -5.31 -8.63 2.58
CA ARG A 473 -5.63 -7.87 1.38
C ARG A 473 -4.62 -8.15 0.29
N ASP A 474 -5.09 -8.23 -0.94
CA ASP A 474 -4.22 -8.50 -2.08
C ASP A 474 -3.34 -7.30 -2.38
N VAL A 475 -2.24 -7.55 -3.08
CA VAL A 475 -1.35 -6.51 -3.56
C VAL A 475 -1.46 -6.43 -5.08
N TYR A 476 -1.11 -5.27 -5.61
CA TYR A 476 -1.30 -4.98 -7.03
C TYR A 476 0.00 -4.47 -7.64
N LEU A 477 0.09 -4.58 -8.96
CA LEU A 477 1.30 -4.17 -9.66
C LEU A 477 1.66 -2.72 -9.35
N GLN A 478 0.67 -1.87 -9.09
CA GLN A 478 0.91 -0.46 -8.78
C GLN A 478 0.83 -0.16 -7.30
N GLY A 479 0.61 -1.16 -6.45
CA GLY A 479 0.38 -0.92 -5.04
C GLY A 479 1.66 -0.92 -4.23
N PRO A 480 1.53 -0.61 -2.94
CA PRO A 480 2.72 -0.59 -2.06
C PRO A 480 3.29 -1.99 -1.87
N ILE A 481 4.59 -2.04 -1.60
CA ILE A 481 5.28 -3.31 -1.36
C ILE A 481 5.33 -3.64 0.13
N TRP A 482 5.80 -2.70 0.95
CA TRP A 482 6.04 -2.97 2.36
C TRP A 482 5.64 -1.76 3.19
N ALA A 483 5.79 -1.91 4.51
CA ALA A 483 5.57 -0.83 5.47
C ALA A 483 6.38 -1.15 6.71
N LYS A 484 6.52 -0.15 7.58
CA LYS A 484 7.29 -0.28 8.81
C LYS A 484 6.34 -0.53 9.97
N ILE A 485 6.48 -1.68 10.61
CA ILE A 485 5.66 -1.97 11.80
C ILE A 485 6.07 -1.01 12.92
N PRO A 486 5.15 -0.25 13.50
CA PRO A 486 5.55 0.70 14.55
C PRO A 486 6.18 -0.01 15.73
N HIS A 487 7.17 0.64 16.33
CA HIS A 487 7.84 0.11 17.51
C HIS A 487 6.96 0.39 18.71
N THR A 488 6.08 -0.57 19.03
CA THR A 488 5.14 -0.45 20.13
C THR A 488 5.15 -1.73 20.95
N ASP A 489 4.48 -1.70 22.09
CA ASP A 489 4.47 -2.85 22.99
C ASP A 489 3.57 -3.96 22.47
N GLY A 490 2.55 -3.62 21.69
CA GLY A 490 1.58 -4.61 21.26
C GLY A 490 1.24 -4.59 19.79
N HIS A 491 1.04 -5.77 19.22
CA HIS A 491 0.60 -5.94 17.84
C HIS A 491 -0.36 -7.12 17.79
N PHE A 492 -1.38 -7.03 16.93
CA PHE A 492 -2.28 -8.15 16.71
C PHE A 492 -1.96 -8.91 15.43
N HIS A 493 -2.00 -8.22 14.28
CA HIS A 493 -1.64 -8.81 12.99
C HIS A 493 -0.83 -7.77 12.25
N PRO A 494 0.51 -7.85 12.31
CA PRO A 494 1.33 -6.75 11.78
C PRO A 494 1.29 -6.60 10.27
N SER A 495 0.44 -7.35 9.58
CA SER A 495 0.30 -7.17 8.15
C SER A 495 -0.30 -5.80 7.86
N PRO A 496 0.34 -4.96 7.05
CA PRO A 496 -0.25 -3.66 6.73
C PRO A 496 -1.63 -3.81 6.11
N LEU A 497 -2.52 -2.90 6.50
CA LEU A 497 -3.89 -2.90 5.99
C LEU A 497 -4.00 -2.30 4.60
N MET A 498 -2.93 -1.72 4.08
CA MET A 498 -2.92 -1.12 2.75
C MET A 498 -2.32 -2.02 1.68
N GLY A 499 -1.58 -3.05 2.06
CA GLY A 499 -0.80 -3.78 1.08
C GLY A 499 -0.06 -4.99 1.62
N GLY A 500 1.22 -5.09 1.28
CA GLY A 500 1.95 -6.33 1.43
C GLY A 500 2.67 -6.55 2.74
N PHE A 501 4.00 -6.55 2.70
CA PHE A 501 4.80 -7.12 3.78
C PHE A 501 5.13 -6.07 4.84
N GLY A 502 4.81 -6.39 6.09
CA GLY A 502 5.19 -5.55 7.21
C GLY A 502 6.53 -5.99 7.77
N LEU A 503 7.41 -5.03 8.00
CA LEU A 503 8.79 -5.31 8.39
C LEU A 503 9.18 -4.45 9.58
N LYS A 504 9.77 -5.08 10.60
CA LYS A 504 10.29 -4.33 11.73
C LYS A 504 11.49 -3.48 11.32
N HIS A 505 12.32 -4.00 10.42
CA HIS A 505 13.50 -3.31 9.91
C HIS A 505 13.40 -3.27 8.39
N PRO A 506 12.59 -2.36 7.86
CA PRO A 506 12.40 -2.31 6.41
C PRO A 506 13.63 -1.75 5.72
N PRO A 507 13.67 -1.78 4.40
CA PRO A 507 14.77 -1.13 3.69
C PRO A 507 14.92 0.31 4.16
N PRO A 508 16.12 0.72 4.56
CA PRO A 508 16.28 2.08 5.11
C PRO A 508 16.11 3.13 4.03
N GLN A 509 15.85 4.36 4.48
CA GLN A 509 15.65 5.48 3.58
C GLN A 509 16.99 6.07 3.20
N ILE A 510 17.26 6.12 1.90
CA ILE A 510 18.44 6.79 1.39
C ILE A 510 18.10 8.24 1.11
N MET A 511 18.89 9.16 1.66
CA MET A 511 18.67 10.59 1.49
C MET A 511 19.85 11.19 0.76
N ILE A 512 19.57 12.08 -0.18
CA ILE A 512 20.57 12.72 -1.03
C ILE A 512 20.33 14.22 -1.02
N LYS A 513 21.39 14.99 -1.17
CA LYS A 513 21.32 16.44 -1.07
C LYS A 513 22.47 17.08 -1.83
N ASN A 514 22.26 18.32 -2.26
CA ASN A 514 23.29 19.12 -2.90
C ASN A 514 23.93 20.02 -1.85
N THR A 515 25.25 19.94 -1.72
CA THR A 515 25.94 20.80 -0.76
C THR A 515 25.83 22.25 -1.21
N PRO A 516 25.69 23.19 -0.28
CA PRO A 516 25.57 24.60 -0.67
C PRO A 516 26.93 25.19 -1.05
N VAL A 517 26.96 25.88 -2.18
CA VAL A 517 28.18 26.54 -2.66
C VAL A 517 28.00 28.04 -2.45
N PRO A 518 28.76 28.67 -1.55
CA PRO A 518 28.56 30.11 -1.32
C PRO A 518 28.91 30.94 -2.54
N ALA A 519 28.24 32.09 -2.65
CA ALA A 519 28.61 33.09 -3.64
C ALA A 519 29.77 33.92 -3.06
N ASN A 520 30.18 34.96 -3.78
CA ASN A 520 31.33 35.74 -3.34
C ASN A 520 31.06 36.35 -1.98
N PRO A 521 31.88 36.12 -0.96
CA PRO A 521 31.60 36.70 0.36
C PRO A 521 31.99 38.16 0.40
N PRO A 522 31.49 38.91 1.38
CA PRO A 522 31.94 40.29 1.55
C PRO A 522 33.43 40.35 1.89
N THR A 523 34.06 41.44 1.45
CA THR A 523 35.49 41.62 1.73
C THR A 523 35.74 41.81 3.22
N THR A 524 34.85 42.51 3.91
CA THR A 524 34.97 42.73 5.35
C THR A 524 34.19 41.66 6.09
N PHE A 525 34.80 41.10 7.13
CA PHE A 525 34.18 40.02 7.87
C PHE A 525 32.86 40.46 8.48
N SER A 526 31.84 39.61 8.33
CA SER A 526 30.53 39.84 8.91
C SER A 526 30.04 38.53 9.53
N PRO A 527 29.55 38.56 10.78
CA PRO A 527 29.09 37.32 11.42
C PRO A 527 27.70 36.88 11.00
N ALA A 528 27.04 37.61 10.10
CA ALA A 528 25.69 37.29 9.72
C ALA A 528 25.62 35.96 8.99
N LYS A 529 24.46 35.30 9.09
CA LYS A 529 24.24 34.04 8.40
C LYS A 529 24.45 34.21 6.91
N PHE A 530 25.16 33.27 6.30
CA PHE A 530 25.46 33.33 4.87
C PHE A 530 24.23 32.88 4.10
N ALA A 531 23.63 33.78 3.33
CA ALA A 531 22.39 33.51 2.62
C ALA A 531 22.48 33.98 1.18
N SER A 532 23.62 33.75 0.53
CA SER A 532 23.83 34.06 -0.88
C SER A 532 24.61 32.90 -1.48
N PHE A 533 23.89 31.91 -2.02
CA PHE A 533 24.47 30.71 -2.58
C PHE A 533 24.36 30.71 -4.10
N ILE A 534 25.09 29.79 -4.72
CA ILE A 534 25.07 29.63 -6.16
C ILE A 534 24.01 28.61 -6.52
N THR A 535 23.10 28.99 -7.43
CA THR A 535 22.01 28.11 -7.82
C THR A 535 22.51 27.01 -8.73
N GLN A 536 22.18 25.77 -8.39
CA GLN A 536 22.61 24.62 -9.17
C GLN A 536 21.77 23.42 -8.76
N TYR A 537 21.76 22.41 -9.64
CA TYR A 537 21.03 21.18 -9.41
C TYR A 537 21.93 20.00 -9.74
N SER A 538 21.36 18.80 -9.66
CA SER A 538 22.13 17.58 -9.87
C SER A 538 21.30 16.58 -10.66
N THR A 539 22.00 15.63 -11.28
CA THR A 539 21.34 14.55 -12.01
C THR A 539 22.24 13.33 -11.97
N GLY A 540 21.64 12.16 -12.15
CA GLY A 540 22.41 10.93 -12.08
C GLY A 540 21.57 9.72 -12.41
N GLN A 541 22.17 8.55 -12.22
CA GLN A 541 21.50 7.28 -12.49
C GLN A 541 21.45 6.44 -11.22
N VAL A 542 20.30 5.81 -10.99
CA VAL A 542 20.05 5.00 -9.81
C VAL A 542 19.64 3.61 -10.26
N SER A 543 20.30 2.59 -9.72
CA SER A 543 20.01 1.20 -10.03
C SER A 543 19.54 0.50 -8.76
N VAL A 544 18.50 -0.32 -8.89
CA VAL A 544 17.96 -1.09 -7.78
C VAL A 544 17.83 -2.53 -8.24
N GLU A 545 17.93 -3.46 -7.29
CA GLU A 545 17.89 -4.89 -7.61
C GLU A 545 17.35 -5.63 -6.40
N ILE A 546 16.26 -6.35 -6.57
CA ILE A 546 15.67 -7.13 -5.49
C ILE A 546 15.58 -8.60 -5.91
N GLU A 547 16.05 -9.48 -5.04
CA GLU A 547 15.92 -10.91 -5.20
C GLU A 547 14.73 -11.39 -4.39
N TRP A 548 13.79 -12.05 -5.06
CA TRP A 548 12.50 -12.45 -4.50
C TRP A 548 12.41 -13.96 -4.52
N GLU A 549 11.94 -14.54 -3.42
CA GLU A 549 11.67 -15.97 -3.37
C GLU A 549 10.26 -16.25 -3.89
N LEU A 550 10.09 -17.42 -4.50
CA LEU A 550 8.84 -17.81 -5.13
C LEU A 550 8.37 -19.15 -4.56
N GLN A 551 7.06 -19.29 -4.41
CA GLN A 551 6.44 -20.54 -3.97
C GLN A 551 5.67 -21.12 -5.15
N LYS A 552 6.06 -22.32 -5.58
CA LYS A 552 5.44 -22.93 -6.73
C LYS A 552 4.12 -23.58 -6.35
N GLU A 553 3.22 -23.70 -7.34
CA GLU A 553 1.91 -24.29 -7.15
C GLU A 553 1.93 -25.74 -7.59
N ASN A 554 1.34 -26.61 -6.77
CA ASN A 554 1.16 -28.02 -7.10
C ASN A 554 -0.29 -28.36 -6.76
N SER A 555 -1.18 -28.13 -7.71
CA SER A 555 -2.61 -28.33 -7.51
C SER A 555 -3.07 -29.56 -8.27
N LYS A 556 -4.03 -30.27 -7.69
CA LYS A 556 -4.59 -31.47 -8.27
C LYS A 556 -5.88 -31.21 -9.04
N ARG A 557 -6.22 -29.94 -9.23
CA ARG A 557 -7.39 -29.57 -10.03
C ARG A 557 -7.28 -30.17 -11.42
N TRP A 558 -8.38 -30.72 -11.91
CA TRP A 558 -8.42 -31.31 -13.24
C TRP A 558 -8.63 -30.25 -14.32
N ASN A 559 -9.73 -29.49 -14.21
CA ASN A 559 -10.07 -28.51 -15.24
C ASN A 559 -9.07 -27.36 -15.22
N PRO A 560 -9.00 -26.60 -16.32
CA PRO A 560 -8.07 -25.45 -16.36
C PRO A 560 -8.39 -24.43 -15.28
N GLU A 561 -7.54 -23.41 -15.21
CA GLU A 561 -7.66 -22.37 -14.20
C GLU A 561 -7.81 -21.00 -14.85
N ILE A 562 -8.23 -20.03 -14.04
CA ILE A 562 -8.39 -18.66 -14.49
C ILE A 562 -7.05 -17.97 -14.40
N GLN A 563 -6.71 -17.18 -15.41
CA GLN A 563 -5.42 -16.50 -15.46
C GLN A 563 -5.57 -15.15 -16.16
N TYR A 564 -4.54 -14.32 -16.01
CA TYR A 564 -4.55 -13.00 -16.62
C TYR A 564 -4.15 -13.09 -18.09
N THR A 565 -4.87 -12.35 -18.94
CA THR A 565 -4.61 -12.36 -20.37
C THR A 565 -4.85 -10.97 -20.92
N SER A 566 -4.33 -10.75 -22.13
CA SER A 566 -4.61 -9.54 -22.89
C SER A 566 -5.70 -9.84 -23.90
N ASN A 567 -6.67 -8.92 -24.02
CA ASN A 567 -7.77 -9.13 -24.95
C ASN A 567 -7.24 -9.15 -26.39
N TYR A 568 -7.67 -10.13 -27.15
CA TYR A 568 -7.21 -10.28 -28.53
C TYR A 568 -7.93 -9.33 -29.49
N ASN A 569 -9.01 -8.71 -29.06
CA ASN A 569 -9.79 -7.87 -29.97
C ASN A 569 -8.97 -6.69 -30.45
N LYS A 570 -9.31 -6.21 -31.64
CA LYS A 570 -8.61 -5.08 -32.25
C LYS A 570 -8.79 -3.83 -31.40
N SER A 571 -7.72 -3.04 -31.31
CA SER A 571 -7.75 -1.82 -30.51
C SER A 571 -6.83 -0.79 -31.14
N VAL A 572 -7.11 0.48 -30.87
CA VAL A 572 -6.28 1.57 -31.40
C VAL A 572 -4.86 1.46 -30.86
N ASN A 573 -4.73 1.22 -29.56
CA ASN A 573 -3.43 1.06 -28.93
C ASN A 573 -3.50 -0.13 -27.97
N VAL A 574 -2.37 -0.81 -27.82
CA VAL A 574 -2.30 -1.99 -26.97
C VAL A 574 -2.07 -1.54 -25.53
N ASP A 575 -2.37 -2.44 -24.59
CA ASP A 575 -2.33 -2.09 -23.18
C ASP A 575 -0.90 -2.06 -22.66
N PHE A 576 -0.66 -1.18 -21.70
CA PHE A 576 0.65 -1.06 -21.05
C PHE A 576 1.72 -0.70 -22.07
N THR A 577 1.45 0.30 -22.91
CA THR A 577 2.41 0.79 -23.88
C THR A 577 2.28 2.30 -23.97
N VAL A 578 3.05 2.90 -24.87
CA VAL A 578 3.06 4.34 -25.06
C VAL A 578 2.15 4.68 -26.23
N ASP A 579 1.54 5.87 -26.17
CA ASP A 579 0.66 6.33 -27.22
C ASP A 579 1.46 7.13 -28.25
N THR A 580 0.77 7.76 -29.19
CA THR A 580 1.46 8.54 -30.21
C THR A 580 2.23 9.72 -29.62
N ASN A 581 1.86 10.15 -28.42
CA ASN A 581 2.55 11.24 -27.74
C ASN A 581 3.62 10.75 -26.77
N GLY A 582 3.88 9.45 -26.74
CA GLY A 582 4.91 8.93 -25.85
C GLY A 582 4.59 9.06 -24.38
N VAL A 583 3.36 8.74 -23.98
CA VAL A 583 2.95 8.77 -22.58
C VAL A 583 2.57 7.36 -22.18
N TYR A 584 3.26 6.83 -21.16
CA TYR A 584 2.99 5.49 -20.68
C TYR A 584 1.76 5.50 -19.77
N SER A 585 0.91 4.48 -19.92
CA SER A 585 -0.33 4.40 -19.17
C SER A 585 -0.54 2.97 -18.69
N GLU A 586 -1.29 2.84 -17.59
CA GLU A 586 -1.71 1.55 -17.04
C GLU A 586 -3.23 1.47 -17.10
N PRO A 587 -3.82 0.62 -17.94
CA PRO A 587 -5.28 0.65 -18.10
C PRO A 587 -6.07 0.10 -16.92
N ARG A 588 -5.64 -1.04 -16.35
CA ARG A 588 -6.41 -1.70 -15.31
C ARG A 588 -5.49 -2.12 -14.18
N PRO A 589 -6.02 -2.28 -12.97
CA PRO A 589 -5.25 -2.87 -11.89
C PRO A 589 -5.14 -4.39 -12.07
N ILE A 590 -4.00 -4.93 -11.65
CA ILE A 590 -3.75 -6.36 -11.71
C ILE A 590 -3.49 -6.86 -10.30
N GLY A 591 -4.24 -7.87 -9.88
CA GLY A 591 -4.05 -8.50 -8.60
C GLY A 591 -3.34 -9.83 -8.73
N THR A 592 -2.68 -10.24 -7.65
CA THR A 592 -1.91 -11.48 -7.68
C THR A 592 -2.79 -12.73 -7.59
N ARG A 593 -3.91 -12.66 -6.88
CA ARG A 593 -4.71 -13.85 -6.58
C ARG A 593 -5.46 -14.30 -7.81
N TYR A 594 -4.93 -15.31 -8.49
CA TYR A 594 -5.58 -15.92 -9.64
C TYR A 594 -5.68 -17.43 -9.54
N LEU A 595 -4.68 -18.10 -8.96
CA LEU A 595 -4.77 -19.53 -8.73
C LEU A 595 -5.60 -19.82 -7.49
N THR A 596 -5.90 -21.09 -7.27
CA THR A 596 -6.86 -21.50 -6.25
C THR A 596 -6.23 -22.53 -5.32
N ARG A 597 -6.81 -22.63 -4.12
CA ARG A 597 -6.41 -23.62 -3.14
C ARG A 597 -7.64 -24.01 -2.33
N ASN A 598 -7.56 -25.18 -1.70
CA ASN A 598 -8.62 -25.62 -0.79
C ASN A 598 -8.34 -25.10 0.62
N LEU A 599 -9.41 -24.76 1.33
CA LEU A 599 -9.30 -24.34 2.72
C LEU A 599 -8.76 -25.49 3.57
#